data_8P64
#
_entry.id   8P64
#
_cell.length_a   73.450
_cell.length_b   73.450
_cell.length_c   96.080
_cell.angle_alpha   90.000
_cell.angle_beta   90.000
_cell.angle_gamma   120.000
#
_symmetry.space_group_name_H-M   'P 31 2 1'
#
loop_
_entity.id
_entity.type
_entity.pdbx_description
1 polymer 'Programmed cell death 1 ligand 1'
2 non-polymer ~{N}-[[1-[(~{E})-2-(2-methyl-3-phenyl-phenyl)ethenyl]-1,2,3,4-tetrazol-5-yl]methyl]ethanamine
3 water water
#
_entity_poly.entity_id   1
_entity_poly.type   'polypeptide(L)'
_entity_poly.pdbx_seq_one_letter_code
;MGSAFTVTVPKDLYVVEYGSNMTIECKFPVEKQLDLAALIVYWEMEDKNIIQFVHGEEDLKVQHSSYRQRARLLKDQLSL
GNAALQITDVKLQDAGVYRCMISYGGADYKRITVKVNAPYAAALEHHHHHH
;
_entity_poly.pdbx_strand_id   A,B
#
loop_
_chem_comp.id
_chem_comp.type
_chem_comp.name
_chem_comp.formula
X1Q non-polymer ~{N}-[[1-[(~{E})-2-(2-methyl-3-phenyl-phenyl)ethenyl]-1,2,3,4-tetrazol-5-yl]methyl]ethanamine 'C19 H21 N5'
#
# COMPACT_ATOMS: atom_id res chain seq x y z
N ALA A 4 2.98 -11.11 -13.35
CA ALA A 4 1.70 -11.51 -12.73
C ALA A 4 1.03 -10.27 -12.16
N PHE A 5 0.63 -10.33 -10.87
CA PHE A 5 -0.38 -9.45 -10.30
C PHE A 5 0.07 -8.01 -10.47
N THR A 6 -0.72 -7.23 -11.21
CA THR A 6 -0.45 -5.81 -11.41
C THR A 6 -1.79 -5.08 -11.51
N VAL A 7 -1.99 -4.11 -10.61
CA VAL A 7 -3.16 -3.26 -10.60
C VAL A 7 -2.99 -2.22 -11.72
N THR A 8 -4.03 -2.08 -12.54
CA THR A 8 -3.98 -1.27 -13.74
C THR A 8 -5.15 -0.30 -13.72
N VAL A 9 -4.88 0.95 -14.09
CA VAL A 9 -5.84 2.03 -13.90
C VAL A 9 -6.16 2.64 -15.27
N PRO A 10 -7.44 2.67 -15.70
CA PRO A 10 -7.82 3.31 -16.96
C PRO A 10 -7.44 4.78 -17.04
N LYS A 11 -7.68 5.53 -15.96
CA LYS A 11 -7.44 6.96 -15.96
C LYS A 11 -6.70 7.34 -14.67
N ASP A 12 -5.56 8.00 -14.81
CA ASP A 12 -4.71 8.41 -13.69
C ASP A 12 -5.15 9.76 -13.12
N LEU A 13 -5.86 10.55 -13.95
CA LEU A 13 -6.48 11.80 -13.56
C LEU A 13 -7.95 11.72 -13.97
N TYR A 14 -8.84 12.12 -13.05
CA TYR A 14 -10.23 12.42 -13.34
C TYR A 14 -10.47 13.89 -12.99
N VAL A 15 -10.98 14.66 -13.96
CA VAL A 15 -11.40 16.04 -13.73
C VAL A 15 -12.92 16.03 -13.70
N VAL A 16 -13.49 16.50 -12.58
CA VAL A 16 -14.89 16.27 -12.25
C VAL A 16 -15.57 17.58 -11.85
N GLU A 17 -16.90 17.55 -11.94
CA GLU A 17 -17.74 18.68 -11.59
C GLU A 17 -17.99 18.65 -10.09
N TYR A 18 -18.08 19.86 -9.48
CA TYR A 18 -18.56 19.94 -8.12
C TYR A 18 -19.99 19.44 -8.08
N GLY A 19 -20.30 18.58 -7.12
CA GLY A 19 -21.65 18.13 -6.90
C GLY A 19 -22.15 17.15 -7.96
N SER A 20 -21.25 16.61 -8.82
CA SER A 20 -21.58 15.43 -9.60
C SER A 20 -21.18 14.16 -8.85
N ASN A 21 -21.41 13.00 -9.47
CA ASN A 21 -20.88 11.74 -8.99
C ASN A 21 -19.66 11.46 -9.82
N MET A 22 -18.72 10.69 -9.23
CA MET A 22 -17.61 10.12 -10.00
C MET A 22 -17.37 8.69 -9.56
N THR A 23 -16.87 7.89 -10.51
CA THR A 23 -16.49 6.53 -10.23
C THR A 23 -15.08 6.31 -10.75
N ILE A 24 -14.15 6.09 -9.82
CA ILE A 24 -12.76 5.87 -10.19
C ILE A 24 -12.47 4.38 -10.06
N GLU A 25 -11.68 3.86 -10.98
CA GLU A 25 -11.56 2.42 -11.05
C GLU A 25 -10.12 1.96 -11.12
N CYS A 26 -9.92 0.78 -10.50
CA CYS A 26 -8.68 0.02 -10.49
C CYS A 26 -8.97 -1.40 -10.92
N LYS A 27 -8.34 -1.82 -12.01
CA LYS A 27 -8.51 -3.14 -12.56
C LYS A 27 -7.41 -4.06 -12.03
N PHE A 28 -7.76 -5.32 -11.85
CA PHE A 28 -6.82 -6.32 -11.36
C PHE A 28 -7.15 -7.66 -12.03
N PRO A 29 -6.15 -8.58 -12.13
CA PRO A 29 -6.36 -9.88 -12.81
C PRO A 29 -7.33 -10.82 -12.10
N VAL A 30 -8.45 -11.13 -12.76
CA VAL A 30 -9.34 -12.20 -12.32
C VAL A 30 -9.41 -13.22 -13.47
N GLU A 31 -9.40 -14.51 -13.15
CA GLU A 31 -9.28 -15.54 -14.17
C GLU A 31 -10.63 -16.18 -14.42
N LYS A 32 -11.73 -15.43 -14.32
CA LYS A 32 -13.07 -15.99 -14.37
C LYS A 32 -13.31 -16.82 -13.11
N GLN A 33 -12.61 -16.49 -12.01
CA GLN A 33 -12.55 -17.28 -10.80
C GLN A 33 -13.32 -16.53 -9.70
N LEU A 34 -12.76 -15.40 -9.22
CA LEU A 34 -13.41 -14.45 -8.33
C LEU A 34 -13.76 -15.08 -6.98
N ASP A 35 -12.71 -15.45 -6.25
CA ASP A 35 -12.78 -16.03 -4.93
C ASP A 35 -12.82 -14.91 -3.89
N LEU A 36 -14.03 -14.66 -3.32
CA LEU A 36 -14.30 -13.59 -2.37
C LEU A 36 -13.39 -13.67 -1.15
N ALA A 37 -13.14 -14.91 -0.69
CA ALA A 37 -12.35 -15.17 0.51
C ALA A 37 -10.90 -14.66 0.37
N ALA A 38 -10.42 -14.57 -0.89
CA ALA A 38 -9.05 -14.17 -1.18
C ALA A 38 -8.94 -12.66 -1.38
N LEU A 39 -10.04 -12.01 -1.81
CA LEU A 39 -10.00 -10.62 -2.23
C LEU A 39 -10.07 -9.64 -1.05
N ILE A 40 -9.19 -8.61 -1.13
CA ILE A 40 -9.18 -7.43 -0.31
C ILE A 40 -9.03 -6.22 -1.22
N VAL A 41 -9.89 -5.20 -1.01
CA VAL A 41 -9.72 -3.92 -1.64
C VAL A 41 -9.79 -2.83 -0.57
N TYR A 42 -8.73 -2.01 -0.49
CA TYR A 42 -8.66 -0.83 0.35
C TYR A 42 -8.56 0.38 -0.56
N TRP A 43 -9.52 1.31 -0.43
CA TRP A 43 -9.39 2.64 -1.02
C TRP A 43 -9.09 3.65 0.06
N GLU A 44 -8.21 4.58 -0.25
CA GLU A 44 -7.67 5.57 0.69
C GLU A 44 -7.42 6.88 -0.05
N MET A 45 -7.55 8.00 0.66
CA MET A 45 -6.96 9.24 0.15
C MET A 45 -6.59 10.15 1.31
N GLU A 46 -5.37 10.69 1.20
CA GLU A 46 -4.76 11.57 2.19
C GLU A 46 -4.80 10.89 3.55
N ASP A 47 -4.63 9.54 3.57
CA ASP A 47 -4.65 8.68 4.74
C ASP A 47 -6.01 8.68 5.46
N LYS A 48 -7.09 8.76 4.66
CA LYS A 48 -8.47 8.57 5.13
C LYS A 48 -9.00 7.28 4.50
N ASN A 49 -9.40 6.30 5.31
CA ASN A 49 -9.97 5.06 4.79
C ASN A 49 -11.36 5.39 4.23
N ILE A 50 -11.55 5.09 2.93
CA ILE A 50 -12.80 5.29 2.23
C ILE A 50 -13.57 3.96 2.18
N ILE A 51 -12.91 2.91 1.64
CA ILE A 51 -13.45 1.56 1.52
C ILE A 51 -12.44 0.60 2.12
N GLN A 52 -12.96 -0.43 2.80
CA GLN A 52 -12.18 -1.63 3.08
C GLN A 52 -13.09 -2.81 2.74
N PHE A 53 -12.95 -3.39 1.54
CA PHE A 53 -13.63 -4.63 1.21
C PHE A 53 -12.78 -5.78 1.72
N VAL A 54 -13.34 -6.57 2.64
CA VAL A 54 -12.55 -7.63 3.24
C VAL A 54 -13.41 -8.88 3.14
N HIS A 55 -12.99 -9.75 2.21
CA HIS A 55 -13.36 -11.14 2.21
C HIS A 55 -14.90 -11.24 2.23
N GLY A 56 -15.46 -10.58 1.22
CA GLY A 56 -16.85 -10.70 0.82
C GLY A 56 -17.68 -9.48 1.23
N GLU A 57 -17.34 -8.90 2.38
CA GLU A 57 -18.16 -7.82 2.91
C GLU A 57 -17.42 -6.49 2.82
N GLU A 58 -18.18 -5.42 2.60
CA GLU A 58 -17.69 -4.09 2.89
C GLU A 58 -17.66 -3.92 4.41
N ASP A 59 -16.56 -3.36 4.91
CA ASP A 59 -16.44 -2.98 6.30
C ASP A 59 -16.85 -1.52 6.45
N LEU A 60 -18.04 -1.34 7.02
CA LEU A 60 -18.72 -0.05 7.12
C LEU A 60 -18.02 0.80 8.18
N LYS A 61 -17.68 0.13 9.28
CA LYS A 61 -17.27 0.76 10.53
C LYS A 61 -16.03 1.62 10.31
N VAL A 62 -15.09 1.14 9.48
CA VAL A 62 -13.77 1.76 9.38
C VAL A 62 -13.78 2.91 8.37
N GLN A 63 -14.80 2.97 7.49
CA GLN A 63 -14.92 4.09 6.56
C GLN A 63 -14.98 5.41 7.34
N HIS A 64 -14.23 6.42 6.87
CA HIS A 64 -14.22 7.72 7.53
C HIS A 64 -15.55 8.41 7.24
N SER A 65 -16.06 9.13 8.24
CA SER A 65 -17.42 9.64 8.20
C SER A 65 -17.59 10.70 7.12
N SER A 66 -16.51 11.27 6.56
CA SER A 66 -16.69 12.20 5.45
C SER A 66 -17.24 11.47 4.23
N TYR A 67 -16.91 10.18 4.10
CA TYR A 67 -17.30 9.35 2.96
C TYR A 67 -18.39 8.37 3.37
N ARG A 68 -19.27 8.79 4.29
CA ARG A 68 -20.15 7.87 5.01
C ARG A 68 -21.26 7.37 4.10
N GLN A 69 -22.06 8.25 3.52
CA GLN A 69 -23.19 7.82 2.70
C GLN A 69 -22.89 8.11 1.23
N ARG A 70 -21.62 8.39 0.89
CA ARG A 70 -21.26 8.96 -0.39
C ARG A 70 -20.39 7.97 -1.16
N ALA A 71 -19.32 7.46 -0.52
CA ALA A 71 -18.47 6.49 -1.18
C ALA A 71 -19.08 5.08 -1.06
N ARG A 72 -19.04 4.30 -2.14
CA ARG A 72 -19.40 2.90 -2.12
C ARG A 72 -18.54 2.18 -3.16
N LEU A 73 -18.30 0.89 -2.92
CA LEU A 73 -17.61 0.07 -3.90
C LEU A 73 -18.67 -0.65 -4.73
N LEU A 74 -18.53 -0.59 -6.06
CA LEU A 74 -19.40 -1.32 -6.98
C LEU A 74 -19.07 -2.80 -6.96
N LYS A 75 -19.90 -3.56 -6.25
CA LYS A 75 -19.65 -4.96 -5.99
C LYS A 75 -19.78 -5.75 -7.31
N ASP A 76 -20.81 -5.41 -8.11
CA ASP A 76 -21.05 -5.92 -9.46
C ASP A 76 -19.75 -6.02 -10.28
N GLN A 77 -18.90 -4.99 -10.22
CA GLN A 77 -17.70 -4.91 -11.05
C GLN A 77 -16.57 -5.76 -10.53
N LEU A 78 -16.60 -6.07 -9.23
CA LEU A 78 -15.46 -6.75 -8.61
C LEU A 78 -15.20 -8.09 -9.32
N SER A 79 -16.27 -8.82 -9.60
CA SER A 79 -16.25 -10.13 -10.24
C SER A 79 -15.53 -10.06 -11.58
N LEU A 80 -15.58 -8.88 -12.23
CA LEU A 80 -14.99 -8.64 -13.53
C LEU A 80 -13.58 -8.07 -13.41
N GLY A 81 -12.98 -8.14 -12.20
CA GLY A 81 -11.66 -7.60 -11.89
C GLY A 81 -11.63 -6.07 -11.93
N ASN A 82 -12.70 -5.43 -11.42
CA ASN A 82 -12.78 -3.99 -11.43
C ASN A 82 -13.22 -3.46 -10.06
N ALA A 83 -12.27 -2.93 -9.29
CA ALA A 83 -12.53 -2.20 -8.06
C ALA A 83 -12.91 -0.76 -8.41
N ALA A 84 -14.23 -0.54 -8.44
CA ALA A 84 -14.83 0.72 -8.82
C ALA A 84 -15.34 1.46 -7.57
N LEU A 85 -14.58 2.44 -7.10
CA LEU A 85 -15.03 3.34 -6.06
C LEU A 85 -15.91 4.40 -6.68
N GLN A 86 -17.15 4.50 -6.20
CA GLN A 86 -18.02 5.61 -6.56
C GLN A 86 -18.25 6.52 -5.37
N ILE A 87 -17.95 7.80 -5.52
CA ILE A 87 -18.29 8.82 -4.53
C ILE A 87 -19.36 9.72 -5.16
N THR A 88 -20.47 9.88 -4.44
CA THR A 88 -21.58 10.71 -4.91
C THR A 88 -21.50 12.10 -4.29
N ASP A 89 -21.98 13.09 -5.07
CA ASP A 89 -21.98 14.50 -4.71
C ASP A 89 -20.59 14.98 -4.28
N VAL A 90 -19.75 15.17 -5.31
CA VAL A 90 -18.33 15.44 -5.14
C VAL A 90 -18.18 16.84 -4.56
N LYS A 91 -17.41 16.94 -3.46
CA LYS A 91 -17.06 18.17 -2.76
C LYS A 91 -15.63 18.56 -3.12
N LEU A 92 -15.28 19.83 -2.98
CA LEU A 92 -13.96 20.32 -3.33
C LEU A 92 -12.93 19.53 -2.56
N GLN A 93 -13.29 19.20 -1.32
CA GLN A 93 -12.46 18.48 -0.35
C GLN A 93 -12.08 17.11 -0.92
N ASP A 94 -12.86 16.59 -1.88
CA ASP A 94 -12.62 15.29 -2.47
C ASP A 94 -11.54 15.29 -3.54
N ALA A 95 -11.09 16.48 -3.95
CA ALA A 95 -9.93 16.57 -4.83
C ALA A 95 -8.71 16.12 -4.03
N GLY A 96 -7.83 15.38 -4.71
CA GLY A 96 -6.62 14.84 -4.12
C GLY A 96 -6.27 13.51 -4.75
N VAL A 97 -5.32 12.79 -4.10
CA VAL A 97 -4.73 11.59 -4.66
C VAL A 97 -5.26 10.34 -3.95
N TYR A 98 -5.89 9.44 -4.70
CA TYR A 98 -6.53 8.24 -4.18
C TYR A 98 -5.60 7.04 -4.39
N ARG A 99 -5.59 6.14 -3.42
CA ARG A 99 -4.72 4.98 -3.44
C ARG A 99 -5.58 3.74 -3.30
N CYS A 100 -5.65 2.92 -4.34
CA CYS A 100 -6.31 1.63 -4.21
C CYS A 100 -5.25 0.57 -3.97
N MET A 101 -5.43 -0.19 -2.92
CA MET A 101 -4.56 -1.28 -2.58
C MET A 101 -5.38 -2.56 -2.73
N ILE A 102 -4.94 -3.46 -3.62
CA ILE A 102 -5.71 -4.67 -3.86
C ILE A 102 -4.81 -5.86 -3.57
N SER A 103 -5.38 -6.87 -2.90
CA SER A 103 -4.71 -8.13 -2.61
C SER A 103 -5.64 -9.26 -3.05
N TYR A 104 -5.17 -10.09 -3.98
CA TYR A 104 -5.93 -11.20 -4.48
C TYR A 104 -4.91 -12.16 -5.06
N GLY A 105 -4.34 -12.98 -4.18
CA GLY A 105 -3.22 -13.86 -4.49
C GLY A 105 -1.97 -13.12 -4.95
N GLY A 106 -1.54 -12.14 -4.16
CA GLY A 106 -0.60 -11.14 -4.63
C GLY A 106 -1.27 -9.80 -4.77
N ALA A 107 -0.44 -8.77 -4.70
CA ALA A 107 -0.89 -7.48 -4.22
C ALA A 107 -0.12 -6.36 -4.91
N ASP A 108 -0.84 -5.28 -5.21
CA ASP A 108 -0.33 -4.13 -5.91
C ASP A 108 -1.24 -2.94 -5.64
N TYR A 109 -0.69 -1.75 -5.83
CA TYR A 109 -1.39 -0.52 -5.54
C TYR A 109 -1.19 0.45 -6.71
N LYS A 110 -2.06 1.45 -6.81
CA LYS A 110 -1.85 2.55 -7.73
C LYS A 110 -2.42 3.82 -7.13
N ARG A 111 -1.93 4.97 -7.62
CA ARG A 111 -2.41 6.28 -7.19
C ARG A 111 -3.23 6.85 -8.35
N ILE A 112 -4.37 7.51 -8.05
CA ILE A 112 -5.20 8.21 -9.02
C ILE A 112 -5.44 9.63 -8.50
N THR A 113 -5.21 10.67 -9.34
CA THR A 113 -5.46 12.05 -8.94
C THR A 113 -6.85 12.50 -9.41
N VAL A 114 -7.47 13.33 -8.60
CA VAL A 114 -8.79 13.89 -8.84
C VAL A 114 -8.69 15.40 -8.69
N LYS A 115 -9.15 16.14 -9.73
CA LYS A 115 -9.28 17.58 -9.79
C LYS A 115 -10.76 17.93 -9.89
N VAL A 116 -11.23 18.90 -9.08
CA VAL A 116 -12.64 19.27 -8.97
C VAL A 116 -12.89 20.67 -9.57
N ASN A 117 -13.78 20.75 -10.57
CA ASN A 117 -14.18 22.01 -11.17
C ASN A 117 -15.46 22.55 -10.54
N ALA A 118 -15.55 23.88 -10.41
CA ALA A 118 -16.83 24.56 -10.28
C ALA A 118 -16.86 25.83 -11.15
N PRO A 119 -17.60 25.83 -12.28
CA PRO A 119 -17.85 27.06 -13.03
C PRO A 119 -18.88 27.97 -12.35
N TYR A 120 -18.84 29.28 -12.66
CA TYR A 120 -19.71 30.30 -12.09
C TYR A 120 -20.37 31.14 -13.19
N ALA B 4 -4.87 -12.19 7.29
CA ALA B 4 -5.08 -10.73 7.44
C ALA B 4 -4.29 -10.24 8.64
N PHE B 5 -4.98 -10.22 9.80
CA PHE B 5 -4.54 -9.61 11.05
C PHE B 5 -4.04 -8.20 10.80
N THR B 6 -2.85 -7.89 11.30
CA THR B 6 -2.30 -6.55 11.26
C THR B 6 -0.78 -6.65 11.28
N VAL B 7 -0.15 -5.76 10.51
CA VAL B 7 1.27 -5.52 10.59
C VAL B 7 1.54 -4.68 11.83
N THR B 8 2.52 -5.11 12.62
CA THR B 8 2.87 -4.43 13.86
C THR B 8 4.33 -3.99 13.80
N VAL B 9 4.59 -2.78 14.28
CA VAL B 9 5.90 -2.17 14.16
C VAL B 9 6.47 -1.93 15.55
N PRO B 10 7.68 -2.48 15.88
CA PRO B 10 8.34 -2.21 17.17
C PRO B 10 8.57 -0.74 17.46
N LYS B 11 9.03 0.00 16.47
CA LYS B 11 9.43 1.39 16.64
C LYS B 11 8.90 2.19 15.46
N ASP B 12 8.11 3.24 15.77
CA ASP B 12 7.55 4.17 14.79
C ASP B 12 8.58 5.19 14.32
N LEU B 13 9.54 5.50 15.19
CA LEU B 13 10.64 6.40 14.89
C LEU B 13 11.95 5.69 15.19
N TYR B 14 12.89 5.78 14.24
CA TYR B 14 14.28 5.41 14.44
C TYR B 14 15.14 6.67 14.23
N VAL B 15 15.95 7.02 15.24
CA VAL B 15 16.93 8.10 15.10
C VAL B 15 18.30 7.44 14.96
N VAL B 16 18.99 7.77 13.85
CA VAL B 16 20.22 7.11 13.47
C VAL B 16 21.30 8.13 13.11
N GLU B 17 22.55 7.64 13.16
CA GLU B 17 23.72 8.41 12.81
C GLU B 17 23.93 8.34 11.31
N TYR B 18 24.45 9.42 10.72
CA TYR B 18 24.91 9.38 9.34
C TYR B 18 26.02 8.36 9.23
N GLY B 19 25.94 7.50 8.22
CA GLY B 19 26.99 6.52 7.96
C GLY B 19 26.99 5.35 8.94
N SER B 20 25.93 5.20 9.75
CA SER B 20 25.66 3.99 10.51
C SER B 20 24.83 3.00 9.66
N ASN B 21 24.57 1.84 10.24
CA ASN B 21 23.59 0.91 9.69
C ASN B 21 22.32 1.03 10.52
N MET B 22 21.19 0.62 9.94
CA MET B 22 19.94 0.44 10.70
C MET B 22 19.14 -0.70 10.10
N THR B 23 18.33 -1.32 10.95
CA THR B 23 17.37 -2.30 10.51
C THR B 23 16.00 -1.92 11.06
N ILE B 24 15.09 -1.60 10.15
CA ILE B 24 13.73 -1.26 10.54
C ILE B 24 12.84 -2.46 10.28
N GLU B 25 11.90 -2.69 11.21
CA GLU B 25 11.17 -3.95 11.23
C GLU B 25 9.67 -3.73 11.21
N CYS B 26 8.99 -4.67 10.55
CA CYS B 26 7.55 -4.83 10.51
C CYS B 26 7.25 -6.30 10.74
N LYS B 27 6.49 -6.57 11.79
CA LYS B 27 6.14 -7.93 12.18
C LYS B 27 4.77 -8.27 11.61
N PHE B 28 4.58 -9.53 11.29
CA PHE B 28 3.32 -10.00 10.74
C PHE B 28 3.08 -11.43 11.20
N PRO B 29 1.80 -11.87 11.28
CA PRO B 29 1.46 -13.23 11.74
C PRO B 29 1.99 -14.37 10.88
N VAL B 30 2.89 -15.21 11.44
CA VAL B 30 3.53 -16.22 10.62
C VAL B 30 2.96 -17.62 10.89
N GLU B 31 3.39 -18.38 11.92
CA GLU B 31 2.60 -19.49 12.41
C GLU B 31 2.97 -20.81 11.73
N LYS B 32 4.12 -21.38 12.10
CA LYS B 32 4.55 -22.66 11.59
C LYS B 32 5.68 -22.39 10.60
N GLN B 33 5.56 -22.88 9.35
CA GLN B 33 6.49 -22.56 8.28
C GLN B 33 5.97 -21.32 7.52
N LEU B 34 6.86 -20.79 6.67
CA LEU B 34 6.53 -19.75 5.72
C LEU B 34 6.13 -20.37 4.39
N ASP B 35 4.90 -20.11 3.95
CA ASP B 35 4.46 -20.46 2.61
C ASP B 35 4.76 -19.27 1.69
N LEU B 36 5.87 -19.37 0.93
CA LEU B 36 6.41 -18.32 0.09
C LEU B 36 5.40 -17.86 -0.96
N ALA B 37 4.56 -18.77 -1.44
CA ALA B 37 3.52 -18.52 -2.42
C ALA B 37 2.51 -17.47 -1.94
N ALA B 38 2.36 -17.33 -0.61
CA ALA B 38 1.40 -16.40 -0.03
C ALA B 38 2.05 -15.05 0.28
N LEU B 39 3.39 -15.00 0.40
CA LEU B 39 4.09 -13.84 0.93
C LEU B 39 4.45 -12.81 -0.14
N ILE B 40 4.12 -11.55 0.18
CA ILE B 40 4.53 -10.36 -0.54
C ILE B 40 4.97 -9.30 0.48
N VAL B 41 6.15 -8.71 0.28
CA VAL B 41 6.63 -7.63 1.11
C VAL B 41 7.15 -6.51 0.22
N TYR B 42 6.57 -5.32 0.36
CA TYR B 42 7.01 -4.12 -0.35
C TYR B 42 7.47 -3.12 0.70
N TRP B 43 8.73 -2.67 0.60
CA TRP B 43 9.19 -1.51 1.35
C TRP B 43 9.34 -0.32 0.40
N GLU B 44 8.99 0.87 0.91
CA GLU B 44 8.88 2.08 0.11
C GLU B 44 9.25 3.28 0.98
N MET B 45 9.81 4.34 0.38
CA MET B 45 9.79 5.64 1.03
C MET B 45 9.81 6.76 0.02
N GLU B 46 8.94 7.75 0.27
CA GLU B 46 8.76 8.90 -0.61
C GLU B 46 8.42 8.42 -2.02
N ASP B 47 7.70 7.29 -2.13
CA ASP B 47 7.31 6.62 -3.36
C ASP B 47 8.51 6.13 -4.18
N LYS B 48 9.58 5.69 -3.48
CA LYS B 48 10.78 5.11 -4.07
C LYS B 48 10.81 3.64 -3.60
N ASN B 49 10.94 2.74 -4.58
CA ASN B 49 10.92 1.31 -4.32
C ASN B 49 12.25 0.92 -3.67
N ILE B 50 12.17 0.35 -2.46
CA ILE B 50 13.37 -0.11 -1.76
C ILE B 50 13.48 -1.62 -1.93
N ILE B 51 12.40 -2.33 -1.56
CA ILE B 51 12.28 -3.77 -1.64
C ILE B 51 10.98 -4.11 -2.37
N GLN B 52 11.05 -5.09 -3.27
CA GLN B 52 9.86 -5.79 -3.73
C GLN B 52 10.16 -7.27 -3.65
N PHE B 53 9.45 -7.92 -2.73
CA PHE B 53 9.52 -9.36 -2.52
C PHE B 53 8.19 -9.94 -2.95
N VAL B 54 8.21 -10.79 -3.96
CA VAL B 54 6.96 -11.32 -4.46
C VAL B 54 7.11 -12.83 -4.52
N HIS B 55 6.52 -13.49 -3.53
CA HIS B 55 6.57 -14.94 -3.37
C HIS B 55 8.00 -15.45 -3.35
N GLY B 56 9.01 -14.65 -2.98
CA GLY B 56 10.38 -15.13 -3.06
C GLY B 56 11.18 -14.49 -4.19
N GLU B 57 10.59 -13.59 -4.98
CA GLU B 57 11.30 -13.00 -6.10
C GLU B 57 11.67 -11.56 -5.79
N GLU B 58 12.94 -11.23 -6.00
CA GLU B 58 13.43 -9.86 -5.91
C GLU B 58 14.21 -9.59 -7.20
N ASP B 59 13.99 -8.39 -7.76
CA ASP B 59 14.71 -7.87 -8.90
C ASP B 59 15.47 -6.62 -8.45
N LEU B 60 16.80 -6.57 -8.64
CA LEU B 60 17.63 -5.39 -8.38
C LEU B 60 17.14 -4.20 -9.18
N LYS B 61 16.67 -4.50 -10.38
CA LYS B 61 16.37 -3.46 -11.34
C LYS B 61 15.22 -2.58 -10.85
N VAL B 62 14.28 -3.15 -10.08
CA VAL B 62 13.12 -2.42 -9.60
C VAL B 62 13.50 -1.41 -8.50
N GLN B 63 14.58 -1.73 -7.75
CA GLN B 63 15.00 -0.89 -6.65
C GLN B 63 15.42 0.49 -7.16
N HIS B 64 15.17 1.51 -6.33
CA HIS B 64 15.65 2.85 -6.56
C HIS B 64 17.16 2.88 -6.37
N SER B 65 17.80 3.73 -7.19
CA SER B 65 19.25 3.83 -7.26
C SER B 65 19.84 4.28 -5.94
N SER B 66 19.15 5.20 -5.26
CA SER B 66 19.65 5.70 -3.97
C SER B 66 19.81 4.57 -2.96
N TYR B 67 19.02 3.50 -3.13
CA TYR B 67 19.04 2.37 -2.21
C TYR B 67 19.89 1.21 -2.74
N ARG B 68 20.58 1.41 -3.87
CA ARG B 68 21.23 0.30 -4.57
C ARG B 68 22.40 -0.20 -3.73
N GLN B 69 22.51 -1.53 -3.59
CA GLN B 69 23.65 -2.13 -2.91
C GLN B 69 23.77 -1.63 -1.46
N ARG B 70 22.68 -1.17 -0.84
CA ARG B 70 22.80 -0.76 0.54
C ARG B 70 21.63 -1.30 1.37
N ALA B 71 20.40 -1.02 0.96
CA ALA B 71 19.21 -1.63 1.53
C ALA B 71 19.03 -3.09 1.07
N ARG B 72 18.63 -3.98 2.00
CA ARG B 72 18.39 -5.41 1.71
C ARG B 72 17.33 -5.92 2.69
N LEU B 73 16.51 -6.88 2.27
CA LEU B 73 15.53 -7.46 3.17
C LEU B 73 16.09 -8.77 3.72
N LEU B 74 16.13 -8.90 5.05
CA LEU B 74 16.77 -10.02 5.71
C LEU B 74 15.87 -11.24 5.60
N LYS B 75 16.13 -12.12 4.62
CA LYS B 75 15.21 -13.22 4.35
C LYS B 75 15.07 -14.11 5.59
N ASP B 76 16.19 -14.29 6.32
CA ASP B 76 16.29 -15.02 7.58
C ASP B 76 15.17 -14.66 8.56
N GLN B 77 14.86 -13.37 8.70
CA GLN B 77 13.85 -12.95 9.68
C GLN B 77 12.42 -13.17 9.18
N LEU B 78 12.25 -13.26 7.85
CA LEU B 78 10.93 -13.43 7.27
C LEU B 78 10.27 -14.69 7.80
N SER B 79 11.07 -15.77 7.92
CA SER B 79 10.53 -17.04 8.40
C SER B 79 10.00 -16.92 9.83
N LEU B 80 10.44 -15.87 10.54
CA LEU B 80 9.99 -15.56 11.89
C LEU B 80 8.84 -14.55 11.90
N GLY B 81 8.28 -14.17 10.73
CA GLY B 81 7.25 -13.13 10.65
C GLY B 81 7.82 -11.74 10.91
N ASN B 82 9.05 -11.47 10.44
CA ASN B 82 9.68 -10.17 10.58
C ASN B 82 10.23 -9.73 9.21
N ALA B 83 9.51 -8.77 8.59
CA ALA B 83 10.03 -8.04 7.45
C ALA B 83 11.01 -6.97 7.93
N ALA B 84 12.29 -7.35 7.89
CA ALA B 84 13.39 -6.55 8.39
C ALA B 84 14.15 -5.94 7.22
N LEU B 85 13.88 -4.65 6.95
CA LEU B 85 14.69 -3.88 6.02
C LEU B 85 15.95 -3.41 6.73
N GLN B 86 17.11 -3.81 6.20
CA GLN B 86 18.37 -3.28 6.67
C GLN B 86 19.00 -2.39 5.61
N ILE B 87 19.33 -1.16 6.01
CA ILE B 87 20.04 -0.20 5.17
C ILE B 87 21.40 0.02 5.80
N THR B 88 22.49 -0.27 5.07
CA THR B 88 23.82 0.04 5.58
C THR B 88 24.30 1.36 5.00
N ASP B 89 25.13 2.07 5.78
CA ASP B 89 25.67 3.38 5.46
C ASP B 89 24.51 4.36 5.25
N VAL B 90 23.80 4.69 6.32
CA VAL B 90 22.63 5.57 6.29
C VAL B 90 23.07 6.94 5.82
N LYS B 91 22.34 7.50 4.83
CA LYS B 91 22.61 8.82 4.27
C LYS B 91 21.56 9.80 4.77
N LEU B 92 21.90 11.10 4.76
CA LEU B 92 21.01 12.13 5.26
C LEU B 92 19.68 12.02 4.53
N GLN B 93 19.81 11.77 3.21
CA GLN B 93 18.71 11.71 2.29
C GLN B 93 17.74 10.58 2.67
N ASP B 94 18.22 9.60 3.45
CA ASP B 94 17.40 8.48 3.87
C ASP B 94 16.40 8.84 4.96
N ALA B 95 16.50 10.06 5.49
CA ALA B 95 15.51 10.52 6.46
C ALA B 95 14.18 10.69 5.76
N GLY B 96 13.09 10.27 6.42
CA GLY B 96 11.78 10.29 5.80
C GLY B 96 10.89 9.19 6.36
N VAL B 97 9.74 8.99 5.71
CA VAL B 97 8.70 8.06 6.13
C VAL B 97 8.70 6.82 5.25
N TYR B 98 8.87 5.65 5.87
CA TYR B 98 8.91 4.36 5.19
C TYR B 98 7.56 3.68 5.33
N ARG B 99 7.11 3.04 4.25
CA ARG B 99 5.88 2.25 4.28
C ARG B 99 6.27 0.81 3.98
N CYS B 100 6.04 -0.10 4.94
CA CYS B 100 6.04 -1.51 4.62
C CYS B 100 4.61 -1.97 4.36
N MET B 101 4.46 -2.64 3.22
CA MET B 101 3.20 -3.21 2.80
C MET B 101 3.36 -4.72 2.72
N ILE B 102 2.56 -5.45 3.50
CA ILE B 102 2.75 -6.89 3.56
C ILE B 102 1.42 -7.55 3.23
N SER B 103 1.47 -8.63 2.44
CA SER B 103 0.36 -9.56 2.24
C SER B 103 0.86 -10.97 2.56
N TYR B 104 0.16 -11.69 3.43
CA TYR B 104 0.46 -13.08 3.68
C TYR B 104 -0.84 -13.71 4.15
N GLY B 105 -1.74 -13.94 3.19
CA GLY B 105 -3.11 -14.33 3.51
C GLY B 105 -3.85 -13.17 4.19
N GLY B 106 -3.99 -12.08 3.45
CA GLY B 106 -4.50 -10.86 4.00
C GLY B 106 -3.37 -9.89 4.33
N ALA B 107 -3.72 -8.62 4.47
CA ALA B 107 -2.76 -7.58 4.14
C ALA B 107 -2.99 -6.34 4.99
N ASP B 108 -1.89 -5.63 5.26
CA ASP B 108 -1.89 -4.42 6.06
C ASP B 108 -0.60 -3.66 5.78
N TYR B 109 -0.59 -2.38 6.16
CA TYR B 109 0.59 -1.57 5.98
C TYR B 109 0.79 -0.69 7.21
N LYS B 110 2.04 -0.35 7.49
CA LYS B 110 2.39 0.61 8.53
C LYS B 110 3.42 1.59 7.97
N ARG B 111 3.48 2.75 8.62
CA ARG B 111 4.40 3.84 8.29
C ARG B 111 5.43 3.88 9.42
N ILE B 112 6.70 4.18 9.10
CA ILE B 112 7.79 4.33 10.07
C ILE B 112 8.58 5.58 9.70
N THR B 113 8.88 6.49 10.67
CA THR B 113 9.70 7.67 10.40
C THR B 113 11.16 7.41 10.80
N VAL B 114 12.05 8.04 10.03
CA VAL B 114 13.49 7.96 10.23
C VAL B 114 14.04 9.38 10.28
N LYS B 115 14.77 9.69 11.38
CA LYS B 115 15.59 10.88 11.53
C LYS B 115 17.07 10.49 11.49
N VAL B 116 17.86 11.22 10.70
CA VAL B 116 19.29 10.97 10.50
C VAL B 116 20.09 12.13 11.13
N ASN B 117 20.94 11.81 12.10
CA ASN B 117 21.82 12.78 12.74
C ASN B 117 23.02 13.08 11.87
N ALA B 118 23.48 14.35 11.93
CA ALA B 118 24.56 14.81 11.09
C ALA B 118 25.87 14.12 11.48
N PRO B 119 26.88 14.05 10.60
CA PRO B 119 28.15 13.43 10.92
C PRO B 119 29.03 14.24 11.86
N TYR B 120 28.82 15.57 11.88
CA TYR B 120 29.45 16.51 12.82
C TYR B 120 30.95 16.51 12.52
N ALA B 121 31.29 16.85 11.26
CA ALA B 121 32.65 16.86 10.74
C ALA B 121 33.44 17.98 11.43
C15 X1Q C . -3.11 -4.41 0.35
C16 X1Q C . -4.26 -4.01 1.03
C17 X1Q C . -4.18 -3.28 2.19
C18 X1Q C . -2.95 -2.94 2.69
C19 X1Q C . -1.79 -3.33 2.02
C1 X1Q C . 4.03 -4.82 -9.72
C2 X1Q C . 4.32 -6.04 -8.90
N1 X1Q C . 3.47 -6.24 -7.71
C3 X1Q C . 3.97 -5.85 -6.37
C4 X1Q C . 3.73 -4.43 -6.06
N2 X1Q C . 4.04 -3.45 -6.87
N3 X1Q C . 3.69 -2.28 -6.25
N4 X1Q C . 3.17 -2.51 -5.10
N5 X1Q C . 3.17 -3.89 -4.91
C5 X1Q C . 2.68 -4.51 -3.74
C6 X1Q C . 1.87 -3.86 -2.84
C7 X1Q C . 1.20 -4.42 -1.62
C8 X1Q C . 0.01 -3.91 -1.07
C9 X1Q C . -0.68 -2.75 -1.75
C10 X1Q C . -0.58 -4.49 0.12
C11 X1Q C . 0.10 -5.56 0.70
C12 X1Q C . 1.28 -6.06 0.16
C13 X1Q C . 1.82 -5.49 -0.97
C14 X1Q C . -1.84 -4.07 0.83
H17 X1Q C . -3.19 -4.91 -0.44
H18 X1Q C . -5.11 -4.25 0.68
H19 X1Q C . -4.97 -3.01 2.65
H20 X1Q C . -2.88 -2.43 3.49
H21 X1Q C . -0.95 -3.08 2.37
H1 X1Q C . 4.14 -5.04 -10.66
H2 X1Q C . 4.64 -4.11 -9.47
H3 X1Q C . 3.10 -4.54 -9.58
H5 X1Q C . 4.23 -6.84 -9.48
H4 X1Q C . 5.26 -6.01 -8.61
H6 X1Q C . 2.65 -5.90 -7.83
H8 X1Q C . 3.54 -6.40 -5.69
H7 X1Q C . 4.93 -6.03 -6.33
H9 X1Q C . 2.89 -5.41 -3.56
H10 X1Q C . 1.73 -2.92 -2.98
H12 X1Q C . -1.56 -2.61 -1.36
H13 X1Q C . -0.78 -2.93 -2.69
H11 X1Q C . -0.14 -1.95 -1.62
H14 X1Q C . -0.25 -5.97 1.47
H15 X1Q C . 1.71 -6.79 0.58
H16 X1Q C . 2.62 -5.84 -1.32
#